data_1XZC
#
_entry.id   1XZC
#
_cell.length_a   35.120
_cell.length_b   67.360
_cell.length_c   37.050
_cell.angle_alpha   90.00
_cell.angle_beta   93.90
_cell.angle_gamma   90.00
#
_symmetry.space_group_name_H-M   'P 1 21 1'
#
loop_
_entity.id
_entity.type
_entity.pdbx_description
1 polymer CUTINASE
2 non-polymer 'PARA-MERCURY-BENZENESULFONIC ACID'
3 water water
#
_entity_poly.entity_id   1
_entity_poly.type   'polypeptide(L)'
_entity_poly.pdbx_seq_one_letter_code
;LPTSNPAQELEARQLERTTRDDLINGNSASCADVIFIYARGSTETGNLGTLGPSIASNLESAFGKDGVWIQGVGGAYRAT
LGDNALPRGTSSAAIREMLGLFQQANTKCPDATLIAGGYSQGAALAAACIEDLDSAIRDKIAGTVLFGYTKNLQNRGRIP
NYPADRTKVFCNTGDLVCTGSLIVAAPHLAYGPDARGPAPEFLIEKVRAVRGSA
;
_entity_poly.pdbx_strand_id   A
#
loop_
_chem_comp.id
_chem_comp.type
_chem_comp.name
_chem_comp.formula
PMB non-polymer 'PARA-MERCURY-BENZENESULFONIC ACID' 'C6 H5 Hg O3 S'
#
# COMPACT_ATOMS: atom_id res chain seq x y z
N ARG A 17 -6.83 10.41 -10.71
CA ARG A 17 -8.09 9.89 -10.25
C ARG A 17 -7.72 8.42 -10.09
N THR A 18 -8.15 7.39 -10.85
CA THR A 18 -7.76 6.04 -10.46
C THR A 18 -6.43 5.52 -10.97
N THR A 19 -5.72 6.27 -11.83
CA THR A 19 -4.40 5.88 -12.25
C THR A 19 -3.47 7.03 -11.84
N ARG A 20 -2.40 6.67 -11.14
CA ARG A 20 -1.35 7.59 -10.77
C ARG A 20 -0.05 6.87 -10.95
N ASP A 21 0.81 7.51 -11.74
CA ASP A 21 2.15 7.01 -11.97
C ASP A 21 3.17 8.09 -11.69
N ASP A 22 3.08 8.74 -10.51
CA ASP A 22 3.98 9.86 -10.24
C ASP A 22 5.44 9.49 -10.12
N LEU A 23 5.73 8.30 -9.54
CA LEU A 23 7.11 7.82 -9.45
C LEU A 23 7.68 7.51 -10.84
N ILE A 24 6.95 6.78 -11.68
CA ILE A 24 7.47 6.42 -12.99
C ILE A 24 7.68 7.67 -13.84
N ASN A 25 6.74 8.59 -13.70
CA ASN A 25 6.76 9.81 -14.51
C ASN A 25 7.63 10.92 -13.94
N GLY A 26 7.96 10.86 -12.65
CA GLY A 26 8.63 11.96 -11.99
C GLY A 26 10.08 12.20 -12.38
N ASN A 27 10.51 13.47 -12.35
CA ASN A 27 11.90 13.84 -12.62
C ASN A 27 12.77 13.63 -11.41
N SER A 28 13.83 12.84 -11.61
CA SER A 28 14.82 12.50 -10.59
C SER A 28 15.48 13.76 -10.03
N ALA A 29 15.62 14.78 -10.88
CA ALA A 29 16.21 16.03 -10.41
C ALA A 29 15.27 16.78 -9.49
N SER A 30 13.99 16.44 -9.42
CA SER A 30 13.11 17.13 -8.50
C SER A 30 12.21 16.13 -7.78
N CYS A 31 12.87 15.29 -7.02
CA CYS A 31 12.21 14.24 -6.25
C CYS A 31 11.25 14.78 -5.19
N ALA A 32 10.09 14.15 -5.00
CA ALA A 32 9.21 14.49 -3.89
C ALA A 32 9.89 14.03 -2.61
N ASP A 33 9.50 14.57 -1.46
CA ASP A 33 10.01 14.14 -0.16
C ASP A 33 9.41 12.84 0.32
N VAL A 34 8.20 12.56 -0.16
CA VAL A 34 7.44 11.39 0.30
C VAL A 34 6.93 10.62 -0.94
N ILE A 35 7.10 9.29 -0.97
CA ILE A 35 6.62 8.51 -2.12
C ILE A 35 5.71 7.44 -1.54
N PHE A 36 4.48 7.38 -2.05
CA PHE A 36 3.47 6.42 -1.57
C PHE A 36 3.18 5.39 -2.66
N ILE A 37 3.33 4.10 -2.36
CA ILE A 37 3.13 3.03 -3.33
C ILE A 37 1.95 2.23 -2.81
N TYR A 38 0.92 2.11 -3.63
CA TYR A 38 -0.34 1.51 -3.21
C TYR A 38 -0.80 0.41 -4.15
N ALA A 39 -1.28 -0.71 -3.60
CA ALA A 39 -1.81 -1.78 -4.44
C ALA A 39 -3.33 -1.95 -4.26
N ARG A 40 -4.10 -1.93 -5.36
CA ARG A 40 -5.55 -2.00 -5.31
C ARG A 40 -6.09 -3.42 -5.04
N GLY A 41 -7.41 -3.50 -4.85
CA GLY A 41 -8.09 -4.77 -4.58
C GLY A 41 -8.44 -5.53 -5.85
N SER A 42 -8.99 -6.75 -5.71
CA SER A 42 -9.34 -7.54 -6.87
C SER A 42 -10.43 -6.88 -7.72
N THR A 43 -10.20 -6.95 -9.04
CA THR A 43 -11.09 -6.49 -10.10
C THR A 43 -11.22 -4.96 -10.11
N GLU A 44 -10.44 -4.19 -9.33
CA GLU A 44 -10.58 -2.76 -9.33
C GLU A 44 -9.89 -2.12 -10.52
N THR A 45 -10.31 -0.91 -10.83
CA THR A 45 -9.81 -0.21 -12.02
C THR A 45 -8.56 0.63 -11.79
N GLY A 46 -7.91 1.00 -12.90
CA GLY A 46 -6.69 1.82 -12.92
C GLY A 46 -5.63 1.10 -12.10
N ASN A 47 -4.84 1.85 -11.34
CA ASN A 47 -3.90 1.19 -10.47
C ASN A 47 -4.08 1.64 -9.02
N LEU A 48 -5.11 2.47 -8.74
CA LEU A 48 -5.45 2.86 -7.37
C LEU A 48 -6.82 2.32 -6.95
N GLY A 49 -7.72 1.87 -7.84
CA GLY A 49 -9.04 1.35 -7.43
C GLY A 49 -9.95 2.33 -6.65
N THR A 50 -10.76 1.81 -5.73
CA THR A 50 -11.76 2.64 -5.10
C THR A 50 -11.24 3.44 -3.91
N LEU A 51 -10.24 2.90 -3.17
CA LEU A 51 -9.73 3.54 -1.95
C LEU A 51 -8.51 4.45 -2.11
N GLY A 52 -7.63 4.13 -3.05
CA GLY A 52 -6.39 4.86 -3.29
C GLY A 52 -6.59 6.36 -3.53
N PRO A 53 -7.51 6.85 -4.38
CA PRO A 53 -7.70 8.27 -4.65
C PRO A 53 -8.01 9.07 -3.39
N SER A 54 -8.84 8.56 -2.46
CA SER A 54 -9.12 9.21 -1.17
C SER A 54 -7.88 9.37 -0.30
N ILE A 55 -7.04 8.35 -0.25
CA ILE A 55 -5.82 8.49 0.55
C ILE A 55 -4.91 9.52 -0.12
N ALA A 56 -4.78 9.44 -1.45
CA ALA A 56 -3.89 10.34 -2.20
C ALA A 56 -4.27 11.79 -2.03
N SER A 57 -5.55 12.17 -2.10
CA SER A 57 -5.94 13.58 -1.97
C SER A 57 -5.58 14.16 -0.60
N ASN A 58 -5.70 13.32 0.44
CA ASN A 58 -5.40 13.77 1.79
C ASN A 58 -3.90 13.86 1.99
N LEU A 59 -3.09 13.01 1.35
CA LEU A 59 -1.65 13.11 1.47
C LEU A 59 -1.17 14.38 0.76
N GLU A 60 -1.75 14.70 -0.40
CA GLU A 60 -1.42 15.94 -1.12
C GLU A 60 -1.83 17.17 -0.31
N SER A 61 -2.93 17.16 0.39
CA SER A 61 -3.22 18.26 1.30
C SER A 61 -2.15 18.45 2.35
N ALA A 62 -1.65 17.35 2.92
CA ALA A 62 -0.65 17.46 3.98
C ALA A 62 0.73 17.87 3.49
N PHE A 63 1.17 17.34 2.36
CA PHE A 63 2.53 17.57 1.94
C PHE A 63 2.64 18.46 0.71
N GLY A 64 1.51 18.85 0.13
CA GLY A 64 1.52 19.59 -1.11
C GLY A 64 1.66 18.66 -2.30
N LYS A 65 1.15 19.10 -3.44
CA LYS A 65 1.15 18.31 -4.66
C LYS A 65 2.58 18.04 -5.10
N ASP A 66 3.55 18.95 -4.98
CA ASP A 66 4.92 18.63 -5.35
C ASP A 66 5.67 17.90 -4.23
N GLY A 67 5.06 17.75 -3.05
CA GLY A 67 5.70 17.15 -1.88
C GLY A 67 5.56 15.64 -1.81
N VAL A 68 4.58 15.06 -2.49
CA VAL A 68 4.36 13.61 -2.42
C VAL A 68 4.07 13.06 -3.81
N TRP A 69 4.66 11.91 -4.12
CA TRP A 69 4.41 11.24 -5.39
C TRP A 69 3.51 10.05 -5.02
N ILE A 70 2.42 9.88 -5.74
CA ILE A 70 1.44 8.79 -5.57
C ILE A 70 1.70 7.81 -6.72
N GLN A 71 1.94 6.54 -6.41
CA GLN A 71 2.24 5.54 -7.42
C GLN A 71 1.41 4.29 -7.15
N GLY A 72 0.54 3.86 -8.07
CA GLY A 72 -0.19 2.62 -7.90
C GLY A 72 0.63 1.47 -8.53
N VAL A 73 0.31 0.25 -8.13
CA VAL A 73 1.00 -0.89 -8.67
C VAL A 73 0.15 -1.36 -9.86
N GLY A 74 0.69 -1.12 -11.05
CA GLY A 74 0.00 -1.44 -12.30
C GLY A 74 0.76 -2.57 -12.97
N GLY A 75 1.04 -2.43 -14.27
CA GLY A 75 1.86 -3.37 -15.02
C GLY A 75 1.34 -4.80 -14.92
N ALA A 76 2.18 -5.69 -14.41
CA ALA A 76 1.85 -7.10 -14.29
C ALA A 76 0.80 -7.38 -13.21
N TYR A 77 0.52 -6.46 -12.28
CA TYR A 77 -0.50 -6.77 -11.27
C TYR A 77 -1.87 -6.52 -11.90
N ARG A 78 -2.52 -7.63 -12.26
CA ARG A 78 -3.82 -7.58 -12.92
C ARG A 78 -4.99 -7.67 -11.95
N ALA A 79 -4.69 -7.89 -10.66
CA ALA A 79 -5.67 -7.95 -9.56
C ALA A 79 -6.79 -8.94 -9.89
N THR A 80 -6.38 -10.12 -10.33
CA THR A 80 -7.30 -11.20 -10.67
C THR A 80 -7.81 -11.87 -9.38
N LEU A 81 -9.14 -11.94 -9.22
CA LEU A 81 -9.73 -12.48 -8.00
C LEU A 81 -9.23 -13.88 -7.62
N GLY A 82 -9.07 -14.75 -8.59
CA GLY A 82 -8.63 -16.12 -8.34
C GLY A 82 -7.24 -16.22 -7.72
N ASP A 83 -6.37 -15.23 -7.93
CA ASP A 83 -5.02 -15.26 -7.37
C ASP A 83 -5.00 -15.08 -5.89
N ASN A 84 -6.14 -14.77 -5.26
CA ASN A 84 -6.21 -14.71 -3.80
C ASN A 84 -5.94 -16.06 -3.15
N ALA A 85 -6.16 -17.13 -3.93
CA ALA A 85 -5.99 -18.49 -3.47
C ALA A 85 -4.56 -19.00 -3.62
N LEU A 86 -3.66 -18.27 -4.28
CA LEU A 86 -2.28 -18.70 -4.40
C LEU A 86 -1.56 -18.61 -3.04
N PRO A 87 -0.43 -19.35 -2.79
CA PRO A 87 0.26 -19.39 -1.50
C PRO A 87 0.43 -18.02 -0.79
N ARG A 88 0.85 -17.00 -1.49
CA ARG A 88 1.07 -15.71 -0.81
C ARG A 88 -0.10 -14.74 -0.90
N GLY A 89 -1.20 -15.23 -1.46
CA GLY A 89 -2.40 -14.44 -1.58
C GLY A 89 -2.39 -13.53 -2.81
N THR A 90 -1.41 -13.72 -3.69
CA THR A 90 -1.34 -13.00 -4.95
C THR A 90 -0.32 -13.77 -5.81
N SER A 91 -0.11 -13.33 -7.05
CA SER A 91 0.82 -14.01 -7.93
C SER A 91 2.26 -13.55 -7.74
N SER A 92 3.20 -14.38 -8.18
CA SER A 92 4.63 -14.05 -8.14
C SER A 92 4.93 -12.86 -9.04
N ALA A 93 4.26 -12.78 -10.19
CA ALA A 93 4.46 -11.67 -11.11
C ALA A 93 4.05 -10.35 -10.47
N ALA A 94 2.95 -10.29 -9.71
CA ALA A 94 2.57 -9.04 -9.06
C ALA A 94 3.57 -8.65 -7.97
N ILE A 95 4.13 -9.59 -7.22
CA ILE A 95 5.14 -9.27 -6.18
C ILE A 95 6.38 -8.69 -6.85
N ARG A 96 6.83 -9.26 -7.98
CA ARG A 96 7.97 -8.72 -8.72
C ARG A 96 7.70 -7.31 -9.26
N GLU A 97 6.46 -6.99 -9.63
CA GLU A 97 6.12 -5.66 -10.12
C GLU A 97 6.27 -4.68 -8.97
N MET A 98 5.77 -4.98 -7.77
CA MET A 98 5.86 -4.03 -6.68
C MET A 98 7.31 -3.91 -6.22
N LEU A 99 8.10 -4.99 -6.25
CA LEU A 99 9.53 -4.87 -5.94
C LEU A 99 10.19 -3.88 -6.88
N GLY A 100 9.88 -3.96 -8.16
CA GLY A 100 10.50 -3.06 -9.12
C GLY A 100 10.16 -1.60 -8.83
N LEU A 101 8.96 -1.28 -8.31
CA LEU A 101 8.61 0.10 -8.00
C LEU A 101 9.40 0.56 -6.77
N PHE A 102 9.53 -0.28 -5.73
CA PHE A 102 10.33 0.10 -4.55
C PHE A 102 11.78 0.30 -4.97
N GLN A 103 12.34 -0.53 -5.84
CA GLN A 103 13.69 -0.34 -6.31
C GLN A 103 13.82 0.94 -7.07
N GLN A 104 12.88 1.27 -7.96
CA GLN A 104 12.88 2.55 -8.65
C GLN A 104 12.83 3.74 -7.69
N ALA A 105 12.06 3.67 -6.61
CA ALA A 105 11.98 4.77 -5.65
C ALA A 105 13.34 4.97 -4.99
N ASN A 106 13.93 3.87 -4.57
CA ASN A 106 15.21 3.88 -3.90
C ASN A 106 16.33 4.42 -4.78
N THR A 107 16.31 4.12 -6.07
CA THR A 107 17.28 4.63 -7.03
C THR A 107 17.00 6.06 -7.49
N LYS A 108 15.78 6.38 -7.88
CA LYS A 108 15.43 7.72 -8.31
C LYS A 108 15.53 8.72 -7.18
N CYS A 109 15.01 8.45 -5.99
CA CYS A 109 14.98 9.43 -4.92
C CYS A 109 15.47 8.83 -3.61
N PRO A 110 16.76 8.61 -3.41
CA PRO A 110 17.26 7.92 -2.24
C PRO A 110 16.95 8.63 -0.94
N ASP A 111 16.65 9.93 -0.91
CA ASP A 111 16.36 10.57 0.37
C ASP A 111 14.89 10.69 0.71
N ALA A 112 14.03 10.14 -0.15
CA ALA A 112 12.61 10.25 0.11
C ALA A 112 12.20 9.27 1.18
N THR A 113 11.23 9.66 1.98
CA THR A 113 10.61 8.78 2.96
C THR A 113 9.52 7.99 2.21
N LEU A 114 9.42 6.68 2.39
CA LEU A 114 8.41 5.91 1.68
C LEU A 114 7.27 5.56 2.64
N ILE A 115 6.08 5.34 2.07
CA ILE A 115 4.91 4.88 2.79
C ILE A 115 4.15 3.97 1.82
N ALA A 116 3.35 3.05 2.32
CA ALA A 116 2.75 2.06 1.42
C ALA A 116 1.38 1.67 1.91
N GLY A 117 0.62 1.00 1.05
CA GLY A 117 -0.65 0.49 1.49
C GLY A 117 -1.25 -0.47 0.48
N GLY A 118 -2.32 -1.15 0.87
CA GLY A 118 -2.99 -2.05 -0.04
C GLY A 118 -4.34 -2.48 0.50
N TYR A 119 -5.23 -2.84 -0.42
CA TYR A 119 -6.57 -3.28 -0.02
C TYR A 119 -6.77 -4.69 -0.55
N SER A 120 -7.29 -5.59 0.30
CA SER A 120 -7.71 -6.91 -0.12
C SER A 120 -6.54 -7.68 -0.75
N GLN A 121 -6.57 -8.14 -2.00
CA GLN A 121 -5.41 -8.83 -2.60
C GLN A 121 -4.20 -7.89 -2.58
N GLY A 122 -4.45 -6.59 -2.74
CA GLY A 122 -3.39 -5.60 -2.72
C GLY A 122 -2.73 -5.53 -1.34
N ALA A 123 -3.45 -5.85 -0.24
CA ALA A 123 -2.87 -5.87 1.10
C ALA A 123 -1.95 -7.09 1.26
N ALA A 124 -2.37 -8.25 0.73
CA ALA A 124 -1.52 -9.44 0.72
C ALA A 124 -0.28 -9.17 -0.14
N LEU A 125 -0.44 -8.53 -1.30
CA LEU A 125 0.70 -8.19 -2.15
C LEU A 125 1.68 -7.27 -1.41
N ALA A 126 1.18 -6.21 -0.76
CA ALA A 126 2.07 -5.30 -0.03
C ALA A 126 2.79 -6.06 1.07
N ALA A 127 2.11 -6.92 1.83
CA ALA A 127 2.77 -7.70 2.89
C ALA A 127 3.79 -8.66 2.32
N ALA A 128 3.55 -9.35 1.21
CA ALA A 128 4.50 -10.29 0.62
C ALA A 128 5.71 -9.56 0.06
N CYS A 129 5.48 -8.43 -0.61
CA CYS A 129 6.58 -7.63 -1.16
C CYS A 129 7.49 -7.12 -0.04
N ILE A 130 6.93 -6.55 1.02
CA ILE A 130 7.71 -5.98 2.12
C ILE A 130 8.46 -7.07 2.85
N GLU A 131 7.84 -8.25 3.02
CA GLU A 131 8.58 -9.36 3.62
C GLU A 131 9.82 -9.72 2.79
N ASP A 132 9.75 -9.64 1.45
CA ASP A 132 10.90 -10.05 0.65
C ASP A 132 11.94 -8.98 0.39
N LEU A 133 11.59 -7.72 0.64
CA LEU A 133 12.46 -6.61 0.35
C LEU A 133 13.77 -6.62 1.13
N ASP A 134 14.81 -6.11 0.48
CA ASP A 134 16.07 -5.86 1.16
C ASP A 134 15.77 -4.91 2.31
N SER A 135 16.37 -5.15 3.47
CA SER A 135 16.14 -4.34 4.64
C SER A 135 16.51 -2.89 4.43
N ALA A 136 17.50 -2.55 3.62
CA ALA A 136 17.87 -1.17 3.42
C ALA A 136 16.71 -0.41 2.78
N ILE A 137 15.90 -1.02 1.91
CA ILE A 137 14.75 -0.33 1.35
C ILE A 137 13.56 -0.50 2.28
N ARG A 138 13.30 -1.71 2.78
CA ARG A 138 12.17 -1.94 3.69
C ARG A 138 12.17 -0.96 4.87
N ASP A 139 13.35 -0.68 5.43
CA ASP A 139 13.46 0.19 6.58
C ASP A 139 13.22 1.65 6.26
N LYS A 140 13.14 2.00 4.96
CA LYS A 140 12.75 3.34 4.59
C LYS A 140 11.23 3.52 4.56
N ILE A 141 10.43 2.46 4.71
CA ILE A 141 8.98 2.60 4.65
C ILE A 141 8.54 2.99 6.07
N ALA A 142 8.19 4.26 6.25
CA ALA A 142 7.85 4.77 7.57
C ALA A 142 6.50 4.28 8.11
N GLY A 143 5.57 3.84 7.24
CA GLY A 143 4.28 3.35 7.72
C GLY A 143 3.59 2.63 6.58
N THR A 144 2.79 1.61 6.92
CA THR A 144 2.05 0.88 5.91
C THR A 144 0.62 0.69 6.42
N VAL A 145 -0.39 0.92 5.57
CA VAL A 145 -1.78 0.67 5.96
C VAL A 145 -2.37 -0.47 5.12
N LEU A 146 -3.08 -1.39 5.77
CA LEU A 146 -3.64 -2.52 5.05
C LEU A 146 -5.13 -2.56 5.31
N PHE A 147 -5.99 -2.61 4.29
CA PHE A 147 -7.44 -2.63 4.51
C PHE A 147 -7.91 -4.00 4.09
N GLY A 148 -8.81 -4.67 4.85
CA GLY A 148 -9.33 -5.98 4.42
C GLY A 148 -8.21 -6.97 4.10
N TYR A 149 -7.27 -7.04 5.06
CA TYR A 149 -6.04 -7.80 4.91
C TYR A 149 -6.35 -9.29 4.86
N THR A 150 -6.16 -9.92 3.70
CA THR A 150 -6.54 -11.31 3.49
C THR A 150 -5.65 -12.29 4.22
N LYS A 151 -4.44 -11.86 4.64
CA LYS A 151 -3.59 -12.72 5.45
C LYS A 151 -3.55 -12.27 6.93
N ASN A 152 -4.57 -11.54 7.39
CA ASN A 152 -4.62 -11.04 8.77
C ASN A 152 -4.55 -12.14 9.82
N LEU A 153 -5.32 -13.20 9.69
CA LEU A 153 -5.26 -14.23 10.70
C LEU A 153 -3.96 -14.99 10.61
N GLN A 154 -3.55 -15.37 9.40
CA GLN A 154 -2.38 -16.21 9.20
C GLN A 154 -1.10 -15.56 9.65
N ASN A 155 -0.97 -14.23 9.50
CA ASN A 155 0.19 -13.47 9.91
C ASN A 155 -0.02 -12.75 11.23
N ARG A 156 -1.11 -13.07 11.93
CA ARG A 156 -1.44 -12.51 13.22
C ARG A 156 -1.40 -10.99 13.27
N GLY A 157 -1.95 -10.39 12.21
CA GLY A 157 -2.07 -8.94 12.05
C GLY A 157 -0.74 -8.22 11.79
N ARG A 158 0.31 -8.93 11.40
CA ARG A 158 1.61 -8.32 11.20
C ARG A 158 2.03 -8.40 9.75
N ILE A 159 3.01 -7.62 9.31
CA ILE A 159 3.68 -7.89 8.04
C ILE A 159 4.99 -8.56 8.47
N PRO A 160 5.38 -9.76 8.02
CA PRO A 160 6.61 -10.42 8.43
C PRO A 160 7.82 -9.53 8.21
N ASN A 161 8.73 -9.44 9.19
CA ASN A 161 9.96 -8.68 9.09
C ASN A 161 9.77 -7.17 9.15
N TYR A 162 8.59 -6.69 9.55
CA TYR A 162 8.34 -5.25 9.54
C TYR A 162 7.68 -4.88 10.87
N PRO A 163 8.06 -3.77 11.51
CA PRO A 163 7.64 -3.50 12.88
C PRO A 163 6.16 -3.24 13.01
N ALA A 164 5.60 -3.72 14.13
CA ALA A 164 4.18 -3.50 14.46
C ALA A 164 3.83 -2.02 14.61
N ASP A 165 4.75 -1.18 15.15
CA ASP A 165 4.45 0.22 15.35
C ASP A 165 4.32 1.00 14.04
N ARG A 166 4.81 0.45 12.93
CA ARG A 166 4.68 1.13 11.66
C ARG A 166 3.58 0.48 10.81
N THR A 167 2.82 -0.45 11.37
CA THR A 167 1.75 -1.14 10.65
C THR A 167 0.38 -0.73 11.15
N LYS A 168 -0.61 -0.42 10.30
CA LYS A 168 -1.96 -0.26 10.81
C LYS A 168 -2.88 -1.09 9.93
N VAL A 169 -3.70 -1.96 10.54
CA VAL A 169 -4.59 -2.85 9.78
C VAL A 169 -6.01 -2.37 10.08
N PHE A 170 -6.82 -2.26 9.01
CA PHE A 170 -8.23 -1.93 9.11
C PHE A 170 -8.96 -3.21 8.68
N CYS A 171 -9.57 -3.92 9.63
CA CYS A 171 -10.27 -5.17 9.34
C CYS A 171 -11.62 -5.02 10.02
N ASN A 172 -12.70 -4.91 9.24
CA ASN A 172 -14.04 -4.72 9.76
C ASN A 172 -14.58 -5.98 10.41
N THR A 173 -15.44 -5.84 11.42
CA THR A 173 -16.14 -7.00 11.99
C THR A 173 -17.05 -7.58 10.90
N GLY A 174 -17.02 -8.89 10.69
CA GLY A 174 -17.80 -9.54 9.65
C GLY A 174 -17.10 -9.53 8.30
N ASP A 175 -15.88 -8.97 8.21
CA ASP A 175 -15.14 -9.09 6.95
C ASP A 175 -14.37 -10.39 7.11
N LEU A 176 -14.97 -11.39 6.48
CA LEU A 176 -14.49 -12.77 6.54
C LEU A 176 -13.07 -12.99 6.03
N VAL A 177 -12.50 -12.10 5.19
CA VAL A 177 -11.14 -12.34 4.73
C VAL A 177 -10.17 -12.05 5.87
N CYS A 178 -10.57 -11.33 6.91
CA CYS A 178 -9.68 -11.04 8.05
C CYS A 178 -9.62 -12.19 9.04
N THR A 179 -10.58 -13.13 8.92
CA THR A 179 -10.67 -14.26 9.80
C THR A 179 -10.31 -15.59 9.09
N GLY A 180 -9.54 -15.57 8.02
CA GLY A 180 -9.02 -16.78 7.43
C GLY A 180 -9.83 -17.34 6.27
N SER A 181 -10.86 -16.62 5.83
CA SER A 181 -11.69 -17.06 4.74
C SER A 181 -11.41 -16.25 3.48
N LEU A 182 -11.90 -16.70 2.31
CA LEU A 182 -11.79 -15.86 1.12
C LEU A 182 -13.16 -15.46 0.58
N ILE A 183 -14.19 -15.58 1.41
CA ILE A 183 -15.55 -15.16 1.09
C ILE A 183 -15.60 -13.65 1.18
N VAL A 184 -16.22 -13.02 0.18
CA VAL A 184 -16.40 -11.59 0.13
C VAL A 184 -17.82 -11.28 0.59
N ALA A 185 -17.93 -10.65 1.76
CA ALA A 185 -19.20 -10.26 2.39
C ALA A 185 -19.25 -8.73 2.38
N ALA A 186 -20.41 -8.12 2.65
CA ALA A 186 -20.56 -6.66 2.63
C ALA A 186 -19.53 -5.85 3.43
N PRO A 187 -19.10 -6.17 4.68
CA PRO A 187 -18.13 -5.38 5.42
C PRO A 187 -16.79 -5.26 4.67
N HIS A 188 -16.50 -6.19 3.73
CA HIS A 188 -15.27 -6.09 2.94
C HIS A 188 -15.29 -4.89 2.03
N LEU A 189 -16.46 -4.36 1.70
CA LEU A 189 -16.62 -3.26 0.76
C LEU A 189 -16.93 -1.97 1.51
N ALA A 190 -16.62 -1.94 2.80
CA ALA A 190 -16.99 -0.82 3.62
C ALA A 190 -15.79 -0.08 4.22
N TYR A 191 -14.71 0.10 3.49
CA TYR A 191 -13.52 0.76 4.03
C TYR A 191 -13.39 2.23 3.62
N GLY A 192 -14.35 2.78 2.88
CA GLY A 192 -14.35 4.17 2.46
C GLY A 192 -14.07 5.17 3.57
N PRO A 193 -14.77 5.21 4.73
CA PRO A 193 -14.51 6.12 5.84
C PRO A 193 -13.07 6.02 6.35
N ASP A 194 -12.53 4.79 6.46
CA ASP A 194 -11.15 4.63 6.87
C ASP A 194 -10.15 5.22 5.89
N ALA A 195 -10.37 5.05 4.59
CA ALA A 195 -9.48 5.61 3.58
C ALA A 195 -9.53 7.13 3.56
N ARG A 196 -10.68 7.73 3.96
CA ARG A 196 -10.82 9.20 4.04
C ARG A 196 -10.21 9.85 5.31
N GLY A 197 -10.16 9.16 6.44
CA GLY A 197 -9.71 9.78 7.67
C GLY A 197 -8.54 9.04 8.33
N PRO A 198 -8.76 7.95 9.07
CA PRO A 198 -7.71 7.36 9.89
C PRO A 198 -6.52 6.79 9.14
N ALA A 199 -6.69 6.22 7.93
CA ALA A 199 -5.53 5.68 7.21
C ALA A 199 -4.60 6.81 6.75
N PRO A 200 -4.99 7.90 6.04
CA PRO A 200 -4.07 9.01 5.76
C PRO A 200 -3.55 9.62 7.07
N GLU A 201 -4.37 9.71 8.14
CA GLU A 201 -3.89 10.29 9.38
C GLU A 201 -2.68 9.53 9.93
N PHE A 202 -2.75 8.19 9.95
CA PHE A 202 -1.66 7.35 10.40
C PHE A 202 -0.44 7.57 9.51
N LEU A 203 -0.58 7.50 8.19
CA LEU A 203 0.56 7.72 7.29
C LEU A 203 1.26 9.08 7.45
N ILE A 204 0.50 10.17 7.60
CA ILE A 204 1.06 11.51 7.81
C ILE A 204 1.82 11.55 9.15
N GLU A 205 1.23 10.99 10.21
CA GLU A 205 1.88 10.97 11.52
C GLU A 205 3.19 10.20 11.48
N LYS A 206 3.26 9.05 10.80
CA LYS A 206 4.48 8.24 10.73
C LYS A 206 5.57 8.91 9.88
N VAL A 207 5.19 9.67 8.85
CA VAL A 207 6.14 10.46 8.06
C VAL A 207 6.67 11.62 8.91
N ARG A 208 5.81 12.34 9.65
CA ARG A 208 6.29 13.46 10.45
C ARG A 208 7.12 12.96 11.62
N ALA A 209 6.89 11.73 12.10
CA ALA A 209 7.65 11.18 13.22
C ALA A 209 9.12 11.10 12.86
N VAL A 210 9.43 10.80 11.59
CA VAL A 210 10.82 10.66 11.18
C VAL A 210 11.30 11.87 10.43
N ARG A 211 10.45 12.67 9.79
CA ARG A 211 10.92 13.83 9.02
C ARG A 211 10.88 15.12 9.80
N GLY A 212 10.13 15.13 10.89
CA GLY A 212 9.89 16.36 11.60
C GLY A 212 8.69 16.96 10.89
N SER A 213 8.44 18.22 11.12
CA SER A 213 7.23 18.77 10.58
C SER A 213 7.49 20.16 10.03
C1 PMB B . 12.44 -10.23 -4.28
C2 PMB B . 11.18 -10.25 -4.87
C3 PMB B . 10.23 -9.32 -4.53
C4 PMB B . 10.53 -8.36 -3.58
C5 PMB B . 11.78 -8.32 -3.00
C6 PMB B . 12.75 -9.26 -3.35
S1 PMB B . 13.65 -11.45 -4.75
O1 PMB B . 14.57 -10.77 -5.65
O2 PMB B . 12.90 -12.54 -5.39
O3 PMB B . 14.28 -11.88 -3.50
HG PMB B . 9.12 -7.23 -3.25
#